data_7QFH
#
_entry.id   7QFH
#
_cell.length_a   94.09
_cell.length_b   94.09
_cell.length_c   126.42
_cell.angle_alpha   90.00
_cell.angle_beta   90.00
_cell.angle_gamma   90.00
#
_symmetry.space_group_name_H-M   'P 43 21 2'
#
loop_
_entity.id
_entity.type
_entity.pdbx_description
1 polymer 'Cathepsin L2'
2 polymer LYS-VAL-LEU-AMI
3 non-polymer (4S)-2-METHYL-2,4-PENTANEDIOL
4 non-polymer 'CHLORIDE ION'
5 non-polymer GLYCEROL
6 non-polymer 'trifluoroacetic acid'
7 non-polymer 'AMINO GROUP'
8 water water
#
loop_
_entity_poly.entity_id
_entity_poly.type
_entity_poly.pdbx_seq_one_letter_code
_entity_poly.pdbx_strand_id
1 'polypeptide(L)'
;LPKSVDWRKKGYVTPVKNQKQCGSAWAFSATGALEGQMFRKTGKLVSLSEQNLVDCSRPQGNQGCNGGFMARAFQYVKEN
GGLDSEESYPYVAVDEICKYRPENSVAQDTGFTVVAPGKEKALMKAVATVGPISVAMDAGHSSFQFYKSGIYFEPDCSSK
NLDHGVLVVGYGFEGANSQNSKYWLVKNSWGPEWGSNGYVKIAKDKNNHCGIATAASYPNV
;
AA,BA
2 'polypeptide(L)' (ACE)AYFKKVL PA,PB
#
# COMPACT_ATOMS: atom_id res chain seq x y z
N LEU A 1 -17.24 15.38 -7.22
CA LEU A 1 -16.19 14.38 -7.01
C LEU A 1 -15.71 14.35 -5.55
N PRO A 2 -15.25 13.21 -5.02
CA PRO A 2 -14.75 13.13 -3.65
C PRO A 2 -13.54 14.04 -3.42
N LYS A 3 -13.38 14.50 -2.20
CA LYS A 3 -12.24 15.34 -1.80
C LYS A 3 -10.88 14.57 -1.92
N SER A 4 -10.98 13.25 -1.78
CA SER A 4 -9.81 12.43 -1.91
C SER A 4 -10.25 11.02 -2.35
N VAL A 5 -9.31 10.32 -2.96
CA VAL A 5 -9.49 8.95 -3.43
C VAL A 5 -8.24 8.22 -3.22
N ASP A 6 -8.39 6.92 -2.87
CA ASP A 6 -7.19 6.08 -2.74
C ASP A 6 -7.64 4.64 -3.03
N TRP A 7 -7.45 4.20 -4.29
CA TRP A 7 -7.88 2.87 -4.64
C TRP A 7 -7.11 1.75 -3.95
N ARG A 8 -5.92 2.05 -3.37
CA ARG A 8 -5.21 1.00 -2.65
C ARG A 8 -6.01 0.53 -1.50
N LYS A 9 -6.79 1.39 -0.91
CA LYS A 9 -7.60 1.06 0.25
C LYS A 9 -8.87 0.28 -0.09
N LYS A 10 -9.17 0.01 -1.39
CA LYS A 10 -10.34 -0.71 -1.81
C LYS A 10 -9.95 -2.02 -2.49
N GLY A 11 -8.64 -2.36 -2.48
CA GLY A 11 -8.31 -3.67 -3.05
C GLY A 11 -7.92 -3.72 -4.51
N TYR A 12 -7.86 -2.57 -5.16
CA TYR A 12 -7.57 -2.46 -6.60
C TYR A 12 -6.12 -2.49 -7.00
N VAL A 13 -5.19 -2.38 -6.04
CA VAL A 13 -3.79 -2.23 -6.40
C VAL A 13 -2.89 -3.32 -5.84
N THR A 14 -2.06 -3.91 -6.73
CA THR A 14 -1.09 -4.93 -6.31
C THR A 14 0.08 -4.28 -5.60
N PRO A 15 0.93 -5.02 -4.86
CA PRO A 15 2.11 -4.47 -4.18
C PRO A 15 3.06 -3.90 -5.28
N VAL A 16 3.86 -2.94 -4.89
CA VAL A 16 4.80 -2.28 -5.78
C VAL A 16 5.79 -3.26 -6.38
N LYS A 17 6.02 -3.11 -7.66
CA LYS A 17 6.91 -3.94 -8.45
C LYS A 17 8.15 -3.17 -8.84
N ASN A 18 9.10 -3.87 -9.46
CA ASN A 18 10.38 -3.23 -9.83
C ASN A 18 10.78 -3.63 -11.25
N GLN A 19 10.86 -2.63 -12.14
CA GLN A 19 11.25 -2.85 -13.53
C GLN A 19 12.75 -3.13 -13.68
N LYS A 20 13.55 -2.81 -12.61
CA LYS A 20 15.00 -3.01 -12.68
C LYS A 20 15.60 -2.33 -13.93
N GLN A 21 16.68 -2.89 -14.54
CA GLN A 21 17.37 -2.18 -15.63
C GLN A 21 16.79 -2.47 -17.00
N CYS A 22 15.56 -2.11 -17.16
CA CYS A 22 14.82 -2.36 -18.40
C CYS A 22 13.88 -1.21 -18.54
N GLY A 23 13.78 -0.63 -19.76
CA GLY A 23 12.90 0.49 -20.01
C GLY A 23 11.42 0.12 -20.20
N SER A 24 10.85 -0.57 -19.19
CA SER A 24 9.50 -1.13 -19.28
C SER A 24 8.50 -0.46 -18.41
N ALA A 25 8.73 0.79 -17.98
CA ALA A 25 7.71 1.40 -17.08
C ALA A 25 6.38 1.46 -17.74
N TRP A 26 6.32 1.61 -19.08
CA TRP A 26 5.03 1.64 -19.77
C TRP A 26 4.26 0.35 -19.55
N ALA A 27 4.99 -0.81 -19.44
CA ALA A 27 4.34 -2.09 -19.23
C ALA A 27 3.79 -2.22 -17.81
N PHE A 28 4.53 -1.69 -16.81
CA PHE A 28 4.02 -1.69 -15.42
C PHE A 28 2.85 -0.74 -15.22
N SER A 29 2.90 0.40 -15.92
CA SER A 29 1.77 1.31 -15.82
C SER A 29 0.52 0.63 -16.42
N ALA A 30 0.68 -0.05 -17.59
CA ALA A 30 -0.45 -0.73 -18.23
C ALA A 30 -0.95 -1.92 -17.40
N THR A 31 -0.04 -2.75 -16.85
CA THR A 31 -0.55 -3.82 -16.01
C THR A 31 -1.24 -3.24 -14.76
N GLY A 32 -0.73 -2.12 -14.23
CA GLY A 32 -1.39 -1.55 -13.07
C GLY A 32 -2.81 -1.19 -13.34
N ALA A 33 -3.02 -0.49 -14.46
CA ALA A 33 -4.39 -0.08 -14.77
C ALA A 33 -5.27 -1.27 -15.07
N LEU A 34 -4.74 -2.25 -15.84
CA LEU A 34 -5.60 -3.41 -16.10
C LEU A 34 -5.89 -4.21 -14.82
N GLU A 35 -4.95 -4.22 -13.85
CA GLU A 35 -5.21 -4.91 -12.61
C GLU A 35 -6.40 -4.29 -11.91
N GLY A 36 -6.44 -2.96 -11.95
CA GLY A 36 -7.57 -2.27 -11.31
C GLY A 36 -8.89 -2.51 -11.98
N GLN A 37 -8.92 -2.43 -13.33
CA GLN A 37 -10.16 -2.69 -14.04
C GLN A 37 -10.60 -4.14 -13.96
N MET A 38 -9.67 -5.08 -13.95
CA MET A 38 -10.08 -6.47 -13.78
C MET A 38 -10.68 -6.69 -12.41
N PHE A 39 -10.11 -5.99 -11.38
CA PHE A 39 -10.64 -6.08 -10.00
C PHE A 39 -12.06 -5.48 -9.95
N ARG A 40 -12.27 -4.31 -10.59
CA ARG A 40 -13.62 -3.66 -10.62
C ARG A 40 -14.66 -4.59 -11.26
N LYS A 41 -14.22 -5.33 -12.26
CA LYS A 41 -15.12 -6.23 -12.99
C LYS A 41 -15.43 -7.54 -12.29
N THR A 42 -14.44 -8.16 -11.66
CA THR A 42 -14.63 -9.49 -11.11
C THR A 42 -14.49 -9.61 -9.64
N GLY A 43 -13.97 -8.59 -8.96
CA GLY A 43 -13.75 -8.77 -7.53
C GLY A 43 -12.46 -9.50 -7.16
N LYS A 44 -11.61 -9.87 -8.17
CA LYS A 44 -10.44 -10.65 -7.86
C LYS A 44 -9.19 -9.88 -8.31
N LEU A 45 -8.26 -9.73 -7.38
CA LEU A 45 -7.02 -9.02 -7.70
C LEU A 45 -5.94 -10.02 -8.18
N VAL A 46 -5.53 -9.90 -9.45
CA VAL A 46 -4.57 -10.83 -9.99
C VAL A 46 -3.43 -10.07 -10.64
N SER A 47 -2.21 -10.30 -10.17
CA SER A 47 -1.07 -9.58 -10.72
C SER A 47 -0.88 -9.99 -12.19
N LEU A 48 -0.60 -9.02 -13.09
CA LEU A 48 -0.50 -9.26 -14.53
C LEU A 48 0.95 -9.17 -15.01
N SER A 49 1.21 -9.84 -16.18
CA SER A 49 2.57 -9.97 -16.70
C SER A 49 3.12 -8.85 -17.55
N GLU A 50 4.04 -8.09 -16.92
CA GLU A 50 4.72 -7.06 -17.69
C GLU A 50 5.59 -7.73 -18.74
N GLN A 51 6.09 -8.94 -18.44
CA GLN A 51 7.02 -9.58 -19.40
C GLN A 51 6.27 -9.95 -20.66
N ASN A 52 5.00 -10.35 -20.50
CA ASN A 52 4.18 -10.71 -21.66
C ASN A 52 4.10 -9.51 -22.62
N LEU A 53 3.94 -8.32 -22.04
CA LEU A 53 3.91 -7.10 -22.82
C LEU A 53 5.28 -6.77 -23.42
N VAL A 54 6.32 -6.95 -22.68
CA VAL A 54 7.63 -6.60 -23.22
C VAL A 54 7.99 -7.51 -24.40
N ASP A 55 7.73 -8.79 -24.26
CA ASP A 55 8.14 -9.70 -25.34
C ASP A 55 7.23 -9.74 -26.50
N CYS A 56 5.92 -9.42 -26.32
CA CYS A 56 4.97 -9.68 -27.40
C CYS A 56 4.38 -8.48 -28.08
N SER A 57 4.60 -7.23 -27.57
CA SER A 57 3.87 -6.15 -28.20
C SER A 57 4.60 -5.29 -29.20
N ARG A 58 5.68 -5.82 -29.80
CA ARG A 58 6.42 -5.07 -30.83
C ARG A 58 5.50 -4.74 -32.02
N PRO A 59 4.60 -5.65 -32.46
CA PRO A 59 3.73 -5.28 -33.59
C PRO A 59 2.90 -4.06 -33.39
N GLN A 60 2.52 -3.83 -32.12
CA GLN A 60 1.71 -2.71 -31.75
C GLN A 60 2.58 -1.47 -31.57
N GLY A 61 3.89 -1.54 -31.80
CA GLY A 61 4.67 -0.32 -31.67
C GLY A 61 5.52 -0.21 -30.42
N ASN A 62 5.44 -1.17 -29.49
CA ASN A 62 6.33 -1.10 -28.32
C ASN A 62 7.71 -1.66 -28.65
N GLN A 63 8.70 -1.35 -27.85
CA GLN A 63 10.06 -1.78 -28.04
C GLN A 63 10.59 -2.43 -26.81
N GLY A 64 9.79 -3.14 -26.11
CA GLY A 64 10.32 -3.85 -24.95
C GLY A 64 11.03 -3.04 -23.92
N CYS A 65 12.29 -3.43 -23.63
CA CYS A 65 13.13 -2.73 -22.62
C CYS A 65 13.68 -1.45 -23.17
N ASN A 66 13.38 -1.19 -24.43
CA ASN A 66 13.81 0.03 -25.05
C ASN A 66 12.65 1.03 -25.09
N GLY A 67 11.52 0.81 -24.35
CA GLY A 67 10.47 1.84 -24.40
C GLY A 67 9.17 1.37 -24.98
N GLY A 68 8.14 2.16 -24.74
CA GLY A 68 6.83 1.71 -25.14
C GLY A 68 5.81 2.71 -24.66
N PHE A 69 4.56 2.40 -24.90
N PHE A 69 4.49 2.38 -24.92
CA PHE A 69 3.48 3.29 -24.42
CA PHE A 69 3.42 3.24 -24.44
C PHE A 69 2.33 2.47 -23.98
C PHE A 69 2.26 2.40 -23.99
N MET A 70 1.64 2.93 -22.95
CA MET A 70 0.52 2.20 -22.38
C MET A 70 -0.62 1.99 -23.34
N ALA A 71 -0.95 3.00 -24.19
CA ALA A 71 -2.05 2.77 -25.13
C ALA A 71 -1.73 1.64 -26.10
N ARG A 72 -0.47 1.53 -26.49
N ARG A 72 -0.40 1.53 -26.47
CA ARG A 72 -0.05 0.44 -27.40
CA ARG A 72 0.00 0.46 -27.36
C ARG A 72 -0.16 -0.89 -26.66
C ARG A 72 -0.19 -0.86 -26.64
N ALA A 73 0.11 -0.91 -25.31
CA ALA A 73 -0.08 -2.16 -24.59
C ALA A 73 -1.52 -2.56 -24.51
N PHE A 74 -2.43 -1.58 -24.25
CA PHE A 74 -3.85 -1.94 -24.19
C PHE A 74 -4.30 -2.39 -25.58
N GLN A 75 -3.73 -1.80 -26.63
CA GLN A 75 -4.07 -2.22 -28.00
C GLN A 75 -3.63 -3.65 -28.19
N TYR A 76 -2.45 -4.00 -27.68
CA TYR A 76 -1.98 -5.37 -27.77
C TYR A 76 -2.89 -6.32 -27.05
N VAL A 77 -3.31 -6.02 -25.85
CA VAL A 77 -4.18 -6.92 -25.16
C VAL A 77 -5.48 -7.11 -25.93
N LYS A 78 -5.96 -6.11 -26.59
CA LYS A 78 -7.20 -6.24 -27.34
C LYS A 78 -6.99 -7.11 -28.55
N GLU A 79 -5.99 -6.85 -29.30
CA GLU A 79 -5.73 -7.63 -30.49
C GLU A 79 -5.36 -9.04 -30.20
N ASN A 80 -4.65 -9.27 -29.13
CA ASN A 80 -4.21 -10.58 -28.73
C ASN A 80 -5.25 -11.44 -28.11
N GLY A 81 -6.29 -10.84 -27.56
CA GLY A 81 -7.35 -11.58 -26.92
C GLY A 81 -7.09 -11.99 -25.48
N GLY A 82 -6.01 -11.47 -24.91
CA GLY A 82 -5.70 -11.83 -23.55
C GLY A 82 -4.34 -11.35 -23.07
N LEU A 83 -4.05 -11.58 -21.82
CA LEU A 83 -2.78 -11.23 -21.19
C LEU A 83 -2.56 -12.20 -20.09
N ASP A 84 -1.40 -12.74 -19.96
CA ASP A 84 -1.11 -13.70 -18.93
C ASP A 84 -0.82 -13.13 -17.57
N SER A 85 -0.95 -13.93 -16.56
CA SER A 85 -0.65 -13.54 -15.20
C SER A 85 0.84 -13.37 -14.85
N GLU A 86 1.16 -12.61 -13.83
CA GLU A 86 2.53 -12.38 -13.44
C GLU A 86 3.15 -13.68 -13.04
N GLU A 87 2.41 -14.49 -12.42
N GLU A 87 2.40 -14.49 -12.42
CA GLU A 87 2.88 -15.77 -11.98
CA GLU A 87 2.92 -15.76 -11.98
C GLU A 87 3.25 -16.70 -13.12
C GLU A 87 3.26 -16.71 -13.12
N SER A 88 2.43 -16.75 -14.12
CA SER A 88 2.67 -17.64 -15.21
C SER A 88 3.63 -17.15 -16.25
N TYR A 89 3.88 -15.87 -16.33
CA TYR A 89 4.78 -15.27 -17.31
C TYR A 89 5.59 -14.26 -16.52
N PRO A 90 6.55 -14.73 -15.75
CA PRO A 90 7.39 -13.93 -14.90
C PRO A 90 8.27 -12.90 -15.51
N TYR A 91 8.56 -11.88 -14.72
CA TYR A 91 9.36 -10.77 -15.15
C TYR A 91 10.86 -11.00 -15.02
N VAL A 92 11.62 -10.79 -16.10
CA VAL A 92 13.07 -10.97 -16.07
C VAL A 92 13.83 -9.74 -16.50
N ALA A 93 13.15 -8.64 -16.87
CA ALA A 93 13.85 -7.39 -17.17
C ALA A 93 14.83 -7.43 -18.34
N VAL A 94 14.54 -8.27 -19.34
CA VAL A 94 15.32 -8.31 -20.58
C VAL A 94 14.35 -8.70 -21.69
N ASP A 95 14.62 -8.33 -22.93
N ASP A 95 14.58 -8.29 -22.95
CA ASP A 95 13.77 -8.68 -24.06
CA ASP A 95 13.72 -8.66 -24.06
C ASP A 95 13.94 -10.13 -24.33
C ASP A 95 13.92 -10.13 -24.31
N GLU A 96 12.82 -10.86 -24.36
CA GLU A 96 12.85 -12.32 -24.61
C GLU A 96 11.81 -12.75 -25.63
N ILE A 97 11.75 -14.03 -25.91
CA ILE A 97 10.82 -14.51 -26.89
C ILE A 97 9.44 -14.51 -26.42
N CYS A 98 8.54 -14.05 -27.24
CA CYS A 98 7.14 -14.04 -26.81
C CYS A 98 6.64 -15.43 -26.55
N LYS A 99 6.18 -15.68 -25.32
CA LYS A 99 5.68 -16.97 -24.86
C LYS A 99 4.26 -16.81 -24.36
N TYR A 100 3.47 -15.97 -25.07
CA TYR A 100 2.07 -15.81 -24.63
C TYR A 100 1.33 -17.14 -24.75
N ARG A 101 0.60 -17.50 -23.71
CA ARG A 101 -0.18 -18.69 -23.60
C ARG A 101 -1.63 -18.35 -23.29
N PRO A 102 -2.57 -18.57 -24.18
CA PRO A 102 -3.96 -18.26 -23.94
C PRO A 102 -4.52 -18.97 -22.73
N GLU A 103 -4.07 -20.18 -22.39
CA GLU A 103 -4.62 -20.91 -21.28
C GLU A 103 -4.29 -20.26 -19.98
N ASN A 104 -3.28 -19.36 -20.01
CA ASN A 104 -2.85 -18.65 -18.81
C ASN A 104 -3.38 -17.21 -18.76
N SER A 105 -4.20 -16.81 -19.72
CA SER A 105 -4.70 -15.46 -19.70
C SER A 105 -5.67 -15.23 -18.54
N VAL A 106 -5.55 -14.05 -17.87
CA VAL A 106 -6.44 -13.73 -16.74
C VAL A 106 -7.00 -12.33 -16.97
N ALA A 107 -6.77 -11.77 -18.15
CA ALA A 107 -7.31 -10.46 -18.40
C ALA A 107 -7.53 -10.25 -19.87
N GLN A 108 -8.50 -9.37 -20.17
CA GLN A 108 -8.86 -8.91 -21.51
C GLN A 108 -9.29 -7.46 -21.50
N ASP A 109 -9.19 -6.79 -22.66
CA ASP A 109 -9.75 -5.44 -22.80
C ASP A 109 -10.21 -5.27 -24.26
N THR A 110 -11.15 -4.35 -24.50
CA THR A 110 -11.72 -4.11 -25.83
C THR A 110 -11.13 -2.86 -26.45
N GLY A 111 -10.15 -2.29 -25.80
CA GLY A 111 -9.60 -1.03 -26.21
C GLY A 111 -9.34 -0.18 -24.99
N PHE A 112 -9.32 1.12 -25.11
CA PHE A 112 -9.01 1.98 -24.01
C PHE A 112 -9.65 3.31 -24.16
N THR A 113 -9.78 4.01 -23.11
CA THR A 113 -10.31 5.35 -23.07
C THR A 113 -9.23 6.35 -22.75
N VAL A 114 -9.20 7.46 -23.46
CA VAL A 114 -8.24 8.52 -23.26
C VAL A 114 -8.85 9.65 -22.46
N VAL A 115 -8.07 10.25 -21.59
CA VAL A 115 -8.43 11.42 -20.82
C VAL A 115 -8.04 12.60 -21.66
N ALA A 116 -8.86 13.60 -21.74
CA ALA A 116 -8.56 14.79 -22.52
C ALA A 116 -7.12 15.31 -22.26
N PRO A 117 -6.24 15.48 -23.24
CA PRO A 117 -4.91 15.94 -22.85
C PRO A 117 -4.80 17.26 -22.11
N GLY A 118 -3.99 17.23 -21.06
CA GLY A 118 -3.72 18.42 -20.28
C GLY A 118 -4.80 18.77 -19.29
N LYS A 119 -5.87 18.01 -19.24
CA LYS A 119 -6.94 18.40 -18.33
C LYS A 119 -6.95 17.69 -17.01
N GLU A 120 -6.37 18.31 -16.00
CA GLU A 120 -6.32 17.75 -14.68
C GLU A 120 -7.68 17.51 -14.08
N LYS A 121 -8.71 18.22 -14.41
CA LYS A 121 -9.98 17.92 -13.85
C LYS A 121 -10.61 16.73 -14.51
N ALA A 122 -10.26 16.51 -15.78
CA ALA A 122 -10.75 15.35 -16.46
C ALA A 122 -10.09 14.16 -15.88
N LEU A 123 -8.85 14.29 -15.52
CA LEU A 123 -8.14 13.20 -14.91
C LEU A 123 -8.70 12.92 -13.52
N MET A 124 -9.08 13.94 -12.79
CA MET A 124 -9.64 13.77 -11.47
C MET A 124 -10.93 12.99 -11.56
N LYS A 125 -11.71 13.29 -12.56
CA LYS A 125 -12.94 12.60 -12.75
C LYS A 125 -12.72 11.16 -13.10
N ALA A 126 -11.73 10.88 -13.93
CA ALA A 126 -11.46 9.50 -14.30
C ALA A 126 -11.00 8.74 -13.10
N VAL A 127 -10.06 9.27 -12.33
CA VAL A 127 -9.59 8.55 -11.14
C VAL A 127 -10.77 8.32 -10.19
N ALA A 128 -11.65 9.27 -10.03
CA ALA A 128 -12.71 9.08 -9.06
C ALA A 128 -13.76 8.08 -9.49
N THR A 129 -14.05 8.07 -10.74
CA THR A 129 -15.09 7.20 -11.19
C THR A 129 -14.68 5.88 -11.81
N VAL A 130 -13.45 5.67 -12.19
CA VAL A 130 -13.06 4.44 -12.87
C VAL A 130 -12.15 3.51 -12.08
N GLY A 131 -11.13 4.06 -11.50
CA GLY A 131 -10.12 3.31 -10.80
C GLY A 131 -8.76 3.85 -11.14
N PRO A 132 -7.68 3.13 -10.90
CA PRO A 132 -6.36 3.63 -11.23
C PRO A 132 -6.18 3.97 -12.74
N ILE A 133 -5.45 5.00 -13.05
CA ILE A 133 -5.29 5.49 -14.42
C ILE A 133 -3.83 5.51 -14.84
N SER A 134 -3.52 5.01 -16.03
CA SER A 134 -2.16 5.06 -16.55
C SER A 134 -1.81 6.46 -16.99
N VAL A 135 -0.66 6.95 -16.65
CA VAL A 135 -0.25 8.27 -17.05
C VAL A 135 1.22 8.30 -17.35
N ALA A 136 1.62 9.26 -18.16
CA ALA A 136 3.02 9.49 -18.44
C ALA A 136 3.46 10.74 -17.68
N MET A 137 4.72 10.85 -17.37
CA MET A 137 5.24 12.01 -16.64
C MET A 137 6.71 12.26 -16.94
N ASP A 138 7.21 13.42 -16.58
CA ASP A 138 8.60 13.71 -16.69
C ASP A 138 9.28 13.29 -15.36
N ALA A 139 10.00 12.18 -15.37
CA ALA A 139 10.68 11.67 -14.17
C ALA A 139 12.19 11.85 -14.22
N GLY A 140 12.60 12.58 -15.30
CA GLY A 140 14.02 12.85 -15.60
C GLY A 140 14.78 13.80 -14.71
N HIS A 141 14.77 13.53 -13.40
CA HIS A 141 15.43 14.44 -12.47
C HIS A 141 15.97 13.74 -11.25
N SER A 142 17.14 14.19 -10.74
CA SER A 142 17.62 13.61 -9.51
C SER A 142 16.63 13.84 -8.34
N SER A 143 15.84 14.94 -8.36
CA SER A 143 14.89 15.17 -7.28
C SER A 143 13.86 14.02 -7.27
N PHE A 144 13.61 13.44 -8.47
CA PHE A 144 12.67 12.29 -8.51
C PHE A 144 13.32 11.04 -8.10
N GLN A 145 14.51 10.82 -8.60
CA GLN A 145 15.24 9.64 -8.19
C GLN A 145 15.39 9.56 -6.69
N PHE A 146 15.69 10.68 -5.99
CA PHE A 146 15.89 10.60 -4.54
C PHE A 146 14.73 11.15 -3.76
N TYR A 147 13.55 11.18 -4.42
CA TYR A 147 12.37 11.57 -3.71
C TYR A 147 12.11 10.70 -2.48
N LYS A 148 11.72 11.29 -1.36
CA LYS A 148 11.45 10.43 -0.19
C LYS A 148 10.06 10.67 0.41
N SER A 149 9.62 11.91 0.52
CA SER A 149 8.30 12.21 1.07
C SER A 149 7.87 13.61 0.76
N GLY A 150 6.62 13.92 1.04
CA GLY A 150 6.04 15.22 0.77
C GLY A 150 5.45 15.30 -0.63
N ILE A 151 4.95 16.48 -1.01
CA ILE A 151 4.40 16.70 -2.33
C ILE A 151 5.57 17.03 -3.23
N TYR A 152 5.73 16.27 -4.27
CA TYR A 152 6.83 16.48 -5.17
C TYR A 152 6.55 17.65 -6.11
N PHE A 153 7.53 18.56 -6.22
CA PHE A 153 7.40 19.71 -7.13
C PHE A 153 8.78 19.96 -7.65
N GLU A 154 8.96 19.91 -8.94
CA GLU A 154 10.23 20.12 -9.60
C GLU A 154 10.12 21.28 -10.65
N PRO A 155 10.80 22.40 -10.44
CA PRO A 155 10.74 23.52 -11.38
C PRO A 155 11.13 23.22 -12.80
N ASP A 156 11.99 22.26 -12.98
CA ASP A 156 12.53 21.87 -14.28
C ASP A 156 11.65 20.83 -14.93
N CYS A 157 10.52 20.52 -14.30
CA CYS A 157 9.65 19.51 -14.95
C CYS A 157 9.01 20.02 -16.23
N SER A 158 8.75 19.10 -17.15
CA SER A 158 8.06 19.42 -18.39
C SER A 158 6.68 18.81 -18.31
N SER A 159 5.70 19.49 -18.91
CA SER A 159 4.34 18.95 -19.02
C SER A 159 4.14 18.35 -20.45
N LYS A 160 5.14 18.47 -21.33
CA LYS A 160 5.05 18.01 -22.72
C LYS A 160 6.02 16.91 -23.15
N ASN A 161 7.26 16.92 -22.67
CA ASN A 161 8.24 15.88 -23.02
C ASN A 161 8.42 14.96 -21.84
N LEU A 162 7.68 13.87 -21.92
CA LEU A 162 7.58 12.85 -20.84
C LEU A 162 8.40 11.64 -21.07
N ASP A 163 8.92 10.98 -20.03
CA ASP A 163 9.81 9.87 -20.27
C ASP A 163 9.55 8.68 -19.36
N HIS A 164 8.40 8.68 -18.67
CA HIS A 164 8.16 7.57 -17.75
C HIS A 164 6.67 7.34 -17.59
N GLY A 165 6.29 6.07 -17.50
CA GLY A 165 4.89 5.70 -17.33
C GLY A 165 4.72 5.32 -15.87
N VAL A 166 3.66 5.81 -15.24
CA VAL A 166 3.34 5.49 -13.82
C VAL A 166 1.83 5.27 -13.66
N LEU A 167 1.34 5.11 -12.45
CA LEU A 167 -0.09 4.84 -12.29
C LEU A 167 -0.64 5.74 -11.22
N VAL A 168 -1.65 6.53 -11.58
CA VAL A 168 -2.34 7.35 -10.54
C VAL A 168 -3.38 6.51 -9.87
N VAL A 169 -3.16 6.26 -8.53
CA VAL A 169 -4.09 5.43 -7.74
C VAL A 169 -5.01 6.29 -6.89
N GLY A 170 -4.92 7.63 -6.98
CA GLY A 170 -5.79 8.42 -6.12
C GLY A 170 -5.35 9.83 -6.15
N TYR A 171 -5.91 10.62 -5.24
CA TYR A 171 -5.51 12.03 -5.11
C TYR A 171 -5.93 12.45 -3.72
N GLY A 172 -5.41 13.55 -3.27
CA GLY A 172 -5.71 13.90 -1.90
C GLY A 172 -5.27 15.31 -1.65
N PHE A 173 -5.14 15.61 -0.38
CA PHE A 173 -4.74 16.97 -0.04
C PHE A 173 -4.12 16.93 1.32
N GLU A 174 -3.24 17.90 1.59
CA GLU A 174 -2.66 17.93 2.92
C GLU A 174 -3.47 18.91 3.73
N GLY A 175 -3.59 18.68 5.03
CA GLY A 175 -4.33 19.65 5.84
C GLY A 175 -5.83 19.53 5.88
N ALA A 176 -6.49 20.55 6.42
CA ALA A 176 -7.92 20.58 6.54
C ALA A 176 -8.58 21.15 5.32
N ASN A 177 -7.95 21.91 4.53
CA ASN A 177 -8.64 22.44 3.35
C ASN A 177 -8.47 21.54 2.16
N SER A 178 -9.51 20.98 1.63
CA SER A 178 -9.39 20.07 0.51
C SER A 178 -9.02 20.72 -0.78
N GLN A 179 -9.02 22.07 -0.83
CA GLN A 179 -8.73 22.85 -2.03
C GLN A 179 -7.36 23.36 -2.08
N ASN A 180 -6.46 23.00 -1.17
CA ASN A 180 -5.07 23.44 -1.24
C ASN A 180 -4.13 22.33 -0.83
N SER A 181 -2.87 22.42 -1.24
CA SER A 181 -1.87 21.43 -1.00
C SER A 181 -2.34 20.10 -1.59
N LYS A 182 -2.87 20.14 -2.76
CA LYS A 182 -3.40 18.97 -3.40
C LYS A 182 -2.32 18.09 -4.07
N TYR A 183 -2.58 16.80 -4.18
CA TYR A 183 -1.61 15.95 -4.81
C TYR A 183 -2.24 14.77 -5.50
N TRP A 184 -1.51 14.22 -6.44
CA TRP A 184 -1.88 12.98 -7.13
C TRP A 184 -1.16 11.87 -6.41
N LEU A 185 -1.78 10.77 -6.11
CA LEU A 185 -1.14 9.62 -5.47
C LEU A 185 -0.61 8.72 -6.58
N VAL A 186 0.70 8.56 -6.74
CA VAL A 186 1.25 7.85 -7.89
C VAL A 186 2.07 6.68 -7.44
N LYS A 187 1.74 5.52 -8.05
CA LYS A 187 2.46 4.27 -7.87
C LYS A 187 3.60 4.20 -8.97
N ASN A 188 4.82 4.00 -8.52
CA ASN A 188 5.95 3.82 -9.39
C ASN A 188 6.28 2.29 -9.57
N SER A 189 7.27 2.00 -10.40
CA SER A 189 7.73 0.64 -10.61
C SER A 189 9.22 0.53 -10.40
N TRP A 190 9.72 1.20 -9.34
CA TRP A 190 11.12 1.14 -8.98
C TRP A 190 11.28 0.40 -7.67
N GLY A 191 10.34 -0.47 -7.29
CA GLY A 191 10.48 -1.18 -6.02
C GLY A 191 9.89 -0.39 -4.86
N PRO A 192 9.43 -1.09 -3.78
CA PRO A 192 8.86 -0.49 -2.57
C PRO A 192 9.89 0.38 -1.84
N GLU A 193 11.15 0.07 -2.09
CA GLU A 193 12.27 0.77 -1.44
C GLU A 193 12.42 2.19 -1.94
N TRP A 194 11.96 2.45 -3.15
CA TRP A 194 12.06 3.79 -3.72
C TRP A 194 10.99 4.70 -3.15
N GLY A 195 11.24 6.02 -3.03
CA GLY A 195 10.19 6.92 -2.64
C GLY A 195 9.53 6.65 -1.31
N SER A 196 8.18 6.77 -1.27
CA SER A 196 7.42 6.54 -0.06
C SER A 196 6.70 5.18 -0.24
N ASN A 197 7.41 4.12 0.10
CA ASN A 197 6.94 2.73 -0.04
C ASN A 197 6.61 2.42 -1.50
N GLY A 198 7.34 3.08 -2.40
CA GLY A 198 7.15 2.81 -3.82
C GLY A 198 6.29 3.86 -4.48
N TYR A 199 5.69 4.71 -3.68
CA TYR A 199 4.77 5.77 -4.11
C TYR A 199 5.36 7.19 -3.99
N VAL A 200 4.69 8.10 -4.73
N VAL A 200 4.69 8.10 -4.73
CA VAL A 200 5.08 9.52 -4.71
CA VAL A 200 5.08 9.52 -4.71
C VAL A 200 3.81 10.35 -4.76
C VAL A 200 3.81 10.35 -4.76
N LYS A 201 3.80 11.49 -4.04
CA LYS A 201 2.71 12.41 -4.10
C LYS A 201 3.15 13.49 -5.09
N ILE A 202 2.47 13.68 -6.21
CA ILE A 202 2.85 14.73 -7.16
C ILE A 202 1.90 15.91 -7.09
N ALA A 203 2.46 17.12 -7.11
CA ALA A 203 1.62 18.32 -7.02
C ALA A 203 0.52 18.28 -8.01
N LYS A 204 -0.73 18.50 -7.50
CA LYS A 204 -1.97 18.49 -8.26
C LYS A 204 -2.54 19.90 -8.41
N ASP A 205 -3.12 20.15 -9.59
CA ASP A 205 -3.74 21.42 -9.99
C ASP A 205 -2.74 22.54 -9.92
N LYS A 206 -1.51 22.23 -10.34
CA LYS A 206 -0.40 23.21 -10.42
C LYS A 206 0.12 23.17 -11.83
N ASN A 207 -0.78 23.48 -12.79
CA ASN A 207 -0.50 23.52 -14.21
C ASN A 207 0.01 22.26 -14.77
N ASN A 208 -0.66 21.15 -14.42
CA ASN A 208 -0.29 19.84 -14.99
C ASN A 208 1.19 19.52 -14.76
N HIS A 209 1.55 19.55 -13.48
CA HIS A 209 2.93 19.39 -13.13
C HIS A 209 3.47 18.05 -13.61
N CYS A 210 4.63 18.10 -14.25
CA CYS A 210 5.30 16.94 -14.79
C CYS A 210 4.47 16.20 -15.82
N GLY A 211 3.40 16.82 -16.37
CA GLY A 211 2.69 16.14 -17.46
C GLY A 211 1.75 15.06 -17.00
N ILE A 212 1.41 15.00 -15.70
N ILE A 212 1.38 14.95 -15.72
CA ILE A 212 0.58 13.85 -15.28
CA ILE A 212 0.55 13.82 -15.30
C ILE A 212 -0.76 13.73 -16.02
C ILE A 212 -0.80 13.67 -16.05
N ALA A 213 -1.38 14.86 -16.45
CA ALA A 213 -2.62 14.74 -17.18
C ALA A 213 -2.43 14.85 -18.72
N THR A 214 -1.18 14.88 -19.22
CA THR A 214 -0.94 15.01 -20.68
C THR A 214 -1.29 13.76 -21.53
N ALA A 215 -1.05 12.55 -21.00
CA ALA A 215 -1.29 11.37 -21.81
C ALA A 215 -1.82 10.26 -20.92
N ALA A 216 -3.02 10.46 -20.36
CA ALA A 216 -3.59 9.51 -19.42
C ALA A 216 -4.58 8.62 -20.11
N SER A 217 -4.66 7.35 -19.72
CA SER A 217 -5.64 6.44 -20.36
C SER A 217 -5.95 5.29 -19.45
N TYR A 218 -7.01 4.55 -19.76
CA TYR A 218 -7.31 3.35 -18.99
C TYR A 218 -7.94 2.31 -19.88
N PRO A 219 -7.72 1.04 -19.64
CA PRO A 219 -8.33 -0.01 -20.47
C PRO A 219 -9.85 -0.19 -20.27
N ASN A 220 -10.55 -0.62 -21.33
CA ASN A 220 -11.99 -0.89 -21.26
C ASN A 220 -12.13 -2.35 -21.12
N VAL A 221 -12.67 -2.80 -19.99
CA VAL A 221 -12.76 -4.24 -19.74
C VAL A 221 -14.22 -4.70 -19.89
N LEU B 1 11.25 -22.19 9.96
CA LEU B 1 10.60 -20.98 9.47
C LEU B 1 11.43 -20.20 8.48
N PRO B 2 10.82 -19.32 7.68
CA PRO B 2 11.56 -18.51 6.71
C PRO B 2 12.57 -17.57 7.37
N LYS B 3 13.70 -17.22 6.73
CA LYS B 3 14.59 -16.30 7.40
C LYS B 3 14.05 -14.86 7.32
N SER B 4 13.05 -14.62 6.46
CA SER B 4 12.45 -13.29 6.30
C SER B 4 11.05 -13.38 5.91
N VAL B 5 10.25 -12.38 6.33
CA VAL B 5 8.85 -12.40 5.94
C VAL B 5 8.49 -10.96 5.74
N ASP B 6 7.70 -10.67 4.67
CA ASP B 6 7.23 -9.31 4.47
C ASP B 6 5.84 -9.40 3.84
N TRP B 7 4.82 -9.29 4.69
CA TRP B 7 3.46 -9.45 4.28
C TRP B 7 3.05 -8.31 3.33
N ARG B 8 3.82 -7.24 3.35
CA ARG B 8 3.46 -6.17 2.40
C ARG B 8 3.55 -6.66 0.95
N LYS B 9 4.48 -7.55 0.72
CA LYS B 9 4.70 -8.07 -0.68
C LYS B 9 3.61 -9.01 -1.14
N LYS B 10 2.76 -9.50 -0.23
CA LYS B 10 1.71 -10.46 -0.54
C LYS B 10 0.29 -9.87 -0.53
N GLY B 11 0.18 -8.54 -0.45
CA GLY B 11 -1.12 -7.92 -0.52
C GLY B 11 -1.91 -7.79 0.76
N TYR B 12 -1.30 -8.07 1.92
CA TYR B 12 -1.98 -8.02 3.23
C TYR B 12 -2.05 -6.68 3.93
N VAL B 13 -1.35 -5.68 3.39
CA VAL B 13 -1.18 -4.43 4.15
C VAL B 13 -1.61 -3.17 3.41
N THR B 14 -2.47 -2.39 4.04
CA THR B 14 -2.98 -1.11 3.50
C THR B 14 -1.92 -0.05 3.67
N PRO B 15 -2.05 1.08 3.04
CA PRO B 15 -1.05 2.15 3.18
C PRO B 15 -0.89 2.62 4.62
N VAL B 16 0.20 3.29 4.90
CA VAL B 16 0.43 3.85 6.22
C VAL B 16 -0.61 4.89 6.48
N LYS B 17 -1.16 4.89 7.70
CA LYS B 17 -2.20 5.81 8.10
C LYS B 17 -1.61 6.72 9.18
N ASN B 18 -2.41 7.67 9.62
CA ASN B 18 -1.95 8.63 10.62
C ASN B 18 -3.04 8.90 11.66
N GLN B 19 -2.78 8.50 12.90
CA GLN B 19 -3.70 8.72 14.02
C GLN B 19 -3.80 10.17 14.41
N LYS B 20 -2.83 11.01 14.02
CA LYS B 20 -2.83 12.43 14.35
C LYS B 20 -2.93 12.63 15.85
N GLN B 21 -3.71 13.61 16.34
CA GLN B 21 -3.59 13.96 17.76
C GLN B 21 -4.70 13.35 18.52
N CYS B 22 -4.66 12.07 18.50
CA CYS B 22 -5.66 11.22 19.15
C CYS B 22 -4.95 9.94 19.58
N GLY B 23 -5.13 9.49 20.86
CA GLY B 23 -4.41 8.30 21.31
C GLY B 23 -5.12 7.04 20.90
N SER B 24 -5.17 6.84 19.58
CA SER B 24 -5.91 5.75 18.98
C SER B 24 -5.02 4.72 18.33
N ALA B 25 -3.75 4.63 18.70
CA ALA B 25 -2.88 3.63 18.04
C ALA B 25 -3.42 2.22 18.18
N TRP B 26 -4.11 1.94 19.27
CA TRP B 26 -4.68 0.63 19.47
C TRP B 26 -5.69 0.32 18.38
N ALA B 27 -6.42 1.36 17.89
CA ALA B 27 -7.39 1.08 16.85
C ALA B 27 -6.68 0.84 15.49
N PHE B 28 -5.54 1.51 15.25
CA PHE B 28 -4.82 1.32 13.98
C PHE B 28 -4.16 -0.05 13.97
N SER B 29 -3.66 -0.46 15.14
CA SER B 29 -3.04 -1.76 15.22
C SER B 29 -4.07 -2.84 15.01
N ALA B 30 -5.27 -2.63 15.55
CA ALA B 30 -6.36 -3.62 15.38
C ALA B 30 -6.87 -3.67 13.96
N THR B 31 -7.09 -2.51 13.33
CA THR B 31 -7.53 -2.62 11.93
C THR B 31 -6.45 -3.20 11.06
N GLY B 32 -5.19 -2.92 11.35
CA GLY B 32 -4.18 -3.50 10.49
C GLY B 32 -4.19 -5.01 10.58
N ALA B 33 -4.33 -5.58 11.79
CA ALA B 33 -4.35 -7.04 11.84
C ALA B 33 -5.63 -7.60 11.21
N LEU B 34 -6.82 -6.95 11.40
CA LEU B 34 -8.08 -7.41 10.82
C LEU B 34 -8.02 -7.29 9.29
N GLU B 35 -7.31 -6.23 8.80
CA GLU B 35 -7.16 -6.11 7.36
C GLU B 35 -6.42 -7.26 6.81
N GLY B 36 -5.36 -7.66 7.44
CA GLY B 36 -4.61 -8.79 6.89
C GLY B 36 -5.40 -10.10 6.99
N GLN B 37 -6.09 -10.34 8.12
CA GLN B 37 -6.90 -11.57 8.18
C GLN B 37 -8.09 -11.55 7.23
N MET B 38 -8.81 -10.40 7.03
CA MET B 38 -9.84 -10.44 6.02
C MET B 38 -9.27 -10.62 4.60
N PHE B 39 -8.06 -10.09 4.32
CA PHE B 39 -7.48 -10.31 3.01
C PHE B 39 -7.17 -11.80 2.82
N ARG B 40 -6.64 -12.43 3.86
CA ARG B 40 -6.32 -13.84 3.73
C ARG B 40 -7.57 -14.68 3.48
N LYS B 41 -8.69 -14.25 4.04
CA LYS B 41 -9.95 -15.00 3.87
C LYS B 41 -10.70 -14.76 2.55
N THR B 42 -10.60 -13.56 1.97
CA THR B 42 -11.36 -13.22 0.79
C THR B 42 -10.55 -12.78 -0.41
N GLY B 43 -9.30 -12.45 -0.23
CA GLY B 43 -8.50 -11.97 -1.35
C GLY B 43 -8.72 -10.49 -1.60
N LYS B 44 -9.56 -9.82 -0.79
CA LYS B 44 -9.81 -8.40 -0.99
C LYS B 44 -9.21 -7.59 0.16
N LEU B 45 -8.31 -6.67 -0.17
CA LEU B 45 -7.72 -5.81 0.84
C LEU B 45 -8.53 -4.54 0.94
N VAL B 46 -9.20 -4.33 2.10
CA VAL B 46 -10.10 -3.18 2.27
C VAL B 46 -9.79 -2.47 3.55
N SER B 47 -9.47 -1.19 3.46
CA SER B 47 -9.17 -0.43 4.71
C SER B 47 -10.38 -0.38 5.63
N LEU B 48 -10.14 -0.59 6.92
CA LEU B 48 -11.18 -0.63 7.95
C LEU B 48 -11.20 0.67 8.76
N SER B 49 -12.33 0.92 9.43
CA SER B 49 -12.53 2.17 10.12
C SER B 49 -12.02 2.28 11.53
N GLU B 50 -10.92 2.97 11.72
CA GLU B 50 -10.50 3.20 13.08
C GLU B 50 -11.51 4.11 13.79
N GLN B 51 -12.18 4.99 13.06
CA GLN B 51 -13.08 5.88 13.73
C GLN B 51 -14.26 5.10 14.34
N ASN B 52 -14.68 4.04 13.65
CA ASN B 52 -15.74 3.17 14.16
C ASN B 52 -15.29 2.56 15.47
N LEU B 53 -14.02 2.12 15.56
CA LEU B 53 -13.52 1.58 16.81
C LEU B 53 -13.44 2.67 17.88
N VAL B 54 -12.92 3.84 17.53
CA VAL B 54 -12.83 4.92 18.51
C VAL B 54 -14.21 5.32 19.03
N ASP B 55 -15.21 5.46 18.14
CA ASP B 55 -16.51 5.93 18.65
C ASP B 55 -17.40 4.89 19.25
N CYS B 56 -17.16 3.62 18.94
CA CYS B 56 -18.17 2.62 19.33
C CYS B 56 -17.75 1.58 20.31
N SER B 57 -16.47 1.48 20.67
CA SER B 57 -16.10 0.36 21.54
C SER B 57 -15.88 0.67 23.01
N ARG B 58 -16.48 1.71 23.50
CA ARG B 58 -16.38 2.06 24.87
C ARG B 58 -17.04 0.96 25.70
N PRO B 59 -18.15 0.38 25.32
CA PRO B 59 -18.71 -0.69 26.16
C PRO B 59 -17.74 -1.81 26.42
N GLN B 60 -16.82 -2.10 25.47
CA GLN B 60 -15.82 -3.14 25.62
C GLN B 60 -14.60 -2.71 26.47
N GLY B 61 -14.55 -1.47 26.94
CA GLY B 61 -13.43 -1.05 27.79
C GLY B 61 -12.43 -0.16 27.08
N ASN B 62 -12.72 0.19 25.81
CA ASN B 62 -11.77 1.12 25.15
C ASN B 62 -12.06 2.54 25.49
N GLN B 63 -11.12 3.47 25.27
CA GLN B 63 -11.39 4.85 25.64
C GLN B 63 -11.10 5.85 24.54
N GLY B 64 -11.33 5.40 23.32
CA GLY B 64 -11.21 6.30 22.19
C GLY B 64 -9.86 6.96 22.04
N CYS B 65 -9.82 8.33 22.00
CA CYS B 65 -8.55 9.04 21.84
C CYS B 65 -7.77 8.98 23.13
N ASN B 66 -8.37 8.45 24.21
CA ASN B 66 -7.68 8.33 25.46
C ASN B 66 -7.07 6.98 25.62
N GLY B 67 -6.97 6.19 24.57
CA GLY B 67 -6.31 4.89 24.69
C GLY B 67 -7.27 3.73 24.62
N GLY B 68 -6.68 2.55 24.50
CA GLY B 68 -7.51 1.36 24.38
C GLY B 68 -6.63 0.16 24.14
N PHE B 69 -7.29 -0.93 23.77
CA PHE B 69 -6.54 -2.19 23.60
C PHE B 69 -6.94 -2.92 22.36
N MET B 70 -6.02 -3.46 21.61
CA MET B 70 -6.39 -4.18 20.40
C MET B 70 -7.34 -5.35 20.69
N ALA B 71 -7.11 -6.09 21.79
CA ALA B 71 -8.01 -7.20 22.03
C ALA B 71 -9.42 -6.73 22.30
N ARG B 72 -9.62 -5.53 22.98
CA ARG B 72 -10.99 -5.05 23.16
C ARG B 72 -11.60 -4.62 21.85
N ALA B 73 -10.73 -4.13 20.94
CA ALA B 73 -11.27 -3.86 19.62
C ALA B 73 -11.76 -5.11 18.92
N PHE B 74 -10.98 -6.24 18.97
CA PHE B 74 -11.45 -7.46 18.30
C PHE B 74 -12.73 -7.93 19.02
N GLN B 75 -12.84 -7.70 20.35
CA GLN B 75 -14.06 -8.10 21.08
C GLN B 75 -15.24 -7.27 20.64
N TYR B 76 -15.03 -5.99 20.36
CA TYR B 76 -16.13 -5.19 19.91
C TYR B 76 -16.64 -5.69 18.57
N VAL B 77 -15.71 -6.02 17.65
CA VAL B 77 -16.13 -6.49 16.33
C VAL B 77 -16.98 -7.79 16.43
N LYS B 78 -16.59 -8.70 17.32
CA LYS B 78 -17.26 -9.96 17.51
C LYS B 78 -18.62 -9.72 18.10
N GLU B 79 -18.66 -8.86 19.13
CA GLU B 79 -19.91 -8.51 19.82
C GLU B 79 -20.91 -7.71 18.97
N ASN B 80 -20.39 -6.81 18.11
CA ASN B 80 -21.19 -5.99 17.25
C ASN B 80 -21.64 -6.64 15.98
N GLY B 81 -21.03 -7.75 15.58
CA GLY B 81 -21.44 -8.39 14.35
C GLY B 81 -20.77 -7.79 13.12
N GLY B 82 -19.85 -6.78 13.28
CA GLY B 82 -19.25 -6.23 12.06
C GLY B 82 -18.38 -5.03 12.38
N LEU B 83 -17.76 -4.49 11.32
CA LEU B 83 -16.87 -3.27 11.43
C LEU B 83 -16.97 -2.56 10.07
N ASP B 84 -17.20 -1.25 10.05
CA ASP B 84 -17.32 -0.55 8.81
C ASP B 84 -16.01 -0.26 8.10
N SER B 85 -16.14 -0.07 6.77
CA SER B 85 -14.96 0.29 5.95
C SER B 85 -14.55 1.69 6.30
N GLU B 86 -13.24 2.02 6.15
CA GLU B 86 -12.82 3.41 6.37
C GLU B 86 -13.55 4.33 5.38
N GLU B 87 -13.82 3.84 4.15
CA GLU B 87 -14.49 4.74 3.23
C GLU B 87 -15.86 5.19 3.69
N SER B 88 -16.57 4.28 4.30
CA SER B 88 -17.90 4.62 4.77
C SER B 88 -17.91 5.41 6.11
N TYR B 89 -16.84 5.26 6.92
CA TYR B 89 -16.76 5.80 8.30
C TYR B 89 -15.39 6.36 8.46
N PRO B 90 -15.20 7.53 7.90
CA PRO B 90 -13.89 8.19 7.89
C PRO B 90 -13.31 8.63 9.20
N TYR B 91 -11.97 8.66 9.22
CA TYR B 91 -11.25 9.06 10.42
C TYR B 91 -11.06 10.54 10.59
N VAL B 92 -11.47 11.11 11.75
CA VAL B 92 -11.27 12.55 12.02
C VAL B 92 -10.43 12.81 13.26
N ALA B 93 -9.94 11.75 13.90
CA ALA B 93 -8.97 11.92 15.01
C ALA B 93 -9.49 12.63 16.23
N VAL B 94 -10.76 12.40 16.55
CA VAL B 94 -11.37 12.96 17.75
C VAL B 94 -12.41 11.97 18.15
N ASP B 95 -12.80 12.00 19.41
CA ASP B 95 -13.87 11.14 19.93
C ASP B 95 -15.22 11.67 19.48
N GLU B 96 -16.02 10.84 18.83
CA GLU B 96 -17.35 11.21 18.35
C GLU B 96 -18.38 10.16 18.66
N ILE B 97 -19.64 10.49 18.37
CA ILE B 97 -20.73 9.56 18.66
C ILE B 97 -20.73 8.41 17.70
N CYS B 98 -21.03 7.19 18.20
CA CYS B 98 -21.02 6.05 17.30
C CYS B 98 -21.98 6.18 16.09
N LYS B 99 -21.49 5.84 14.89
CA LYS B 99 -22.31 5.92 13.70
C LYS B 99 -22.29 4.63 12.94
N TYR B 100 -22.01 3.51 13.63
CA TYR B 100 -21.96 2.23 12.95
C TYR B 100 -23.25 1.82 12.25
N ARG B 101 -23.11 1.30 11.07
CA ARG B 101 -24.19 0.75 10.29
C ARG B 101 -23.81 -0.60 9.79
N PRO B 102 -24.62 -1.62 10.00
CA PRO B 102 -24.31 -2.95 9.52
C PRO B 102 -24.17 -3.06 8.03
N GLU B 103 -24.89 -2.18 7.25
CA GLU B 103 -24.90 -2.18 5.79
C GLU B 103 -23.57 -1.84 5.26
N ASN B 104 -22.81 -1.13 6.09
CA ASN B 104 -21.49 -0.69 5.65
C ASN B 104 -20.37 -1.58 6.18
N SER B 105 -20.73 -2.65 6.87
CA SER B 105 -19.72 -3.53 7.43
C SER B 105 -18.96 -4.34 6.36
N VAL B 106 -17.66 -4.53 6.52
CA VAL B 106 -16.84 -5.30 5.56
C VAL B 106 -15.92 -6.26 6.28
N ALA B 107 -16.16 -6.43 7.54
CA ALA B 107 -15.35 -7.33 8.32
C ALA B 107 -16.07 -7.87 9.52
N GLN B 108 -15.63 -9.04 9.97
CA GLN B 108 -16.19 -9.71 11.15
C GLN B 108 -15.10 -10.51 11.79
N ASP B 109 -15.23 -10.79 13.08
CA ASP B 109 -14.30 -11.71 13.72
C ASP B 109 -15.06 -12.44 14.84
N THR B 110 -14.55 -13.61 15.22
CA THR B 110 -15.22 -14.45 16.24
C THR B 110 -14.51 -14.36 17.56
N GLY B 111 -13.54 -13.49 17.64
CA GLY B 111 -12.71 -13.38 18.83
C GLY B 111 -11.27 -13.15 18.42
N PHE B 112 -10.31 -13.53 19.26
CA PHE B 112 -8.92 -13.32 18.92
C PHE B 112 -8.05 -14.34 19.59
N THR B 113 -6.83 -14.46 19.08
CA THR B 113 -5.79 -15.37 19.59
C THR B 113 -4.63 -14.60 20.15
N VAL B 114 -4.19 -14.99 21.35
CA VAL B 114 -3.03 -14.37 21.96
C VAL B 114 -1.77 -15.15 21.76
N VAL B 115 -0.69 -14.47 21.34
CA VAL B 115 0.60 -15.15 21.20
C VAL B 115 1.15 -15.39 22.57
N ALA B 116 1.96 -16.47 22.78
CA ALA B 116 2.47 -16.66 24.14
C ALA B 116 3.21 -15.43 24.59
N PRO B 117 2.81 -14.87 25.76
CA PRO B 117 3.50 -13.65 26.18
C PRO B 117 4.95 -13.74 26.38
N GLY B 118 5.65 -12.71 25.93
CA GLY B 118 7.11 -12.64 26.11
C GLY B 118 7.92 -13.54 25.20
N LYS B 119 7.27 -14.38 24.36
CA LYS B 119 8.05 -15.29 23.53
C LYS B 119 8.25 -14.81 22.12
N GLU B 120 9.43 -14.28 21.86
CA GLU B 120 9.70 -13.82 20.49
C GLU B 120 9.67 -14.95 19.48
N LYS B 121 9.98 -16.19 19.89
CA LYS B 121 9.93 -17.23 18.89
C LYS B 121 8.53 -17.57 18.60
N ALA B 122 7.59 -17.43 19.59
CA ALA B 122 6.20 -17.68 19.33
C ALA B 122 5.71 -16.60 18.39
N LEU B 123 6.14 -15.36 18.64
CA LEU B 123 5.73 -14.30 17.70
C LEU B 123 6.26 -14.52 16.29
N MET B 124 7.48 -15.01 16.16
CA MET B 124 8.01 -15.26 14.83
C MET B 124 7.19 -16.29 14.14
N LYS B 125 6.81 -17.35 14.90
CA LYS B 125 5.96 -18.33 14.26
C LYS B 125 4.59 -17.80 13.84
N ALA B 126 4.01 -16.93 14.65
CA ALA B 126 2.71 -16.43 14.28
C ALA B 126 2.84 -15.50 13.06
N VAL B 127 3.88 -14.63 13.05
CA VAL B 127 4.07 -13.76 11.89
C VAL B 127 4.28 -14.60 10.63
N ALA B 128 5.06 -15.70 10.72
CA ALA B 128 5.27 -16.47 9.50
C ALA B 128 4.06 -17.24 9.01
N THR B 129 3.16 -17.66 9.92
CA THR B 129 2.03 -18.47 9.49
C THR B 129 0.65 -17.83 9.48
N VAL B 130 0.47 -16.66 10.08
CA VAL B 130 -0.86 -16.11 10.13
C VAL B 130 -1.00 -14.88 9.26
N GLY B 131 0.00 -14.03 9.36
CA GLY B 131 -0.08 -12.72 8.67
C GLY B 131 0.36 -11.63 9.65
N PRO B 132 0.00 -10.34 9.39
CA PRO B 132 0.40 -9.26 10.30
C PRO B 132 -0.13 -9.45 11.71
N ILE B 133 0.64 -9.10 12.75
CA ILE B 133 0.20 -9.35 14.11
C ILE B 133 0.15 -8.05 14.90
N SER B 134 -0.94 -7.85 15.62
CA SER B 134 -1.03 -6.70 16.51
C SER B 134 -0.14 -6.82 17.67
N VAL B 135 0.62 -5.83 18.00
CA VAL B 135 1.51 -5.86 19.21
C VAL B 135 1.56 -4.49 19.91
N ALA B 136 1.89 -4.51 21.19
CA ALA B 136 2.11 -3.29 21.96
C ALA B 136 3.59 -3.13 22.18
N MET B 137 4.05 -1.90 22.38
CA MET B 137 5.46 -1.61 22.59
C MET B 137 5.67 -0.38 23.41
N ASP B 138 6.90 -0.24 23.95
CA ASP B 138 7.31 0.95 24.66
C ASP B 138 7.84 1.91 23.62
N ALA B 139 6.99 2.90 23.24
CA ALA B 139 7.46 3.91 22.28
C ALA B 139 7.81 5.22 22.98
N GLY B 140 7.84 5.21 24.32
CA GLY B 140 8.04 6.45 25.08
C GLY B 140 9.44 6.98 25.22
N HIS B 141 10.14 7.16 24.11
CA HIS B 141 11.49 7.68 24.09
C HIS B 141 11.69 8.54 22.90
N SER B 142 12.52 9.56 23.05
CA SER B 142 12.72 10.44 21.95
C SER B 142 13.38 9.80 20.77
N SER B 143 14.17 8.80 21.02
CA SER B 143 14.88 8.08 19.94
C SER B 143 13.82 7.43 19.01
N PHE B 144 12.61 7.07 19.53
CA PHE B 144 11.60 6.51 18.66
C PHE B 144 10.90 7.61 17.93
N GLN B 145 10.65 8.76 18.58
CA GLN B 145 10.02 9.83 17.86
C GLN B 145 10.82 10.29 16.65
N PHE B 146 12.14 10.31 16.79
CA PHE B 146 13.05 10.78 15.78
C PHE B 146 13.73 9.71 14.97
N TYR B 147 13.25 8.47 15.10
CA TYR B 147 13.79 7.33 14.31
C TYR B 147 13.69 7.61 12.82
N LYS B 148 14.75 7.26 12.10
CA LYS B 148 14.69 7.45 10.65
C LYS B 148 15.00 6.17 9.86
N SER B 149 15.97 5.41 10.28
CA SER B 149 16.36 4.21 9.55
C SER B 149 17.21 3.30 10.36
N GLY B 150 17.45 2.07 9.87
CA GLY B 150 18.29 1.17 10.62
C GLY B 150 17.52 0.38 11.64
N ILE B 151 18.23 -0.41 12.42
CA ILE B 151 17.57 -1.21 13.44
C ILE B 151 17.44 -0.41 14.70
N TYR B 152 16.20 -0.22 15.13
CA TYR B 152 15.99 0.56 16.31
C TYR B 152 16.38 -0.26 17.56
N PHE B 153 17.21 0.31 18.40
CA PHE B 153 17.57 -0.27 19.67
C PHE B 153 17.66 0.85 20.68
N GLU B 154 16.89 0.83 21.70
CA GLU B 154 16.88 1.84 22.73
C GLU B 154 17.24 1.23 24.05
N PRO B 155 18.36 1.54 24.63
CA PRO B 155 18.76 0.98 25.91
C PRO B 155 17.80 1.18 27.02
N ASP B 156 17.08 2.20 27.04
CA ASP B 156 16.16 2.44 28.10
C ASP B 156 14.78 1.82 27.86
N CYS B 157 14.60 1.02 26.82
CA CYS B 157 13.29 0.45 26.53
C CYS B 157 12.77 -0.52 27.56
N SER B 158 11.49 -0.50 27.81
CA SER B 158 10.86 -1.42 28.71
C SER B 158 10.15 -2.53 27.97
N SER B 159 10.12 -3.71 28.50
CA SER B 159 9.39 -4.76 27.89
C SER B 159 8.11 -4.97 28.65
N LYS B 160 7.81 -4.18 29.65
CA LYS B 160 6.67 -4.36 30.49
C LYS B 160 5.74 -3.22 30.54
N ASN B 161 6.23 -2.04 30.43
CA ASN B 161 5.35 -0.91 30.49
C ASN B 161 5.24 -0.38 29.11
N LEU B 162 4.12 -0.65 28.47
CA LEU B 162 3.91 -0.34 27.04
C LEU B 162 2.92 0.73 26.84
N ASP B 163 3.13 1.57 25.79
CA ASP B 163 2.22 2.69 25.65
C ASP B 163 1.80 2.89 24.21
N HIS B 164 2.10 1.95 23.32
CA HIS B 164 1.78 2.16 21.90
C HIS B 164 1.46 0.87 21.17
N GLY B 165 0.43 0.86 20.33
CA GLY B 165 0.11 -0.34 19.60
C GLY B 165 0.57 -0.13 18.18
N VAL B 166 1.18 -1.19 17.63
CA VAL B 166 1.69 -1.15 16.23
C VAL B 166 1.41 -2.49 15.57
N LEU B 167 1.93 -2.68 14.34
CA LEU B 167 1.66 -3.94 13.61
C LEU B 167 2.88 -4.55 13.09
N VAL B 168 3.13 -5.81 13.50
CA VAL B 168 4.28 -6.47 12.94
C VAL B 168 3.87 -7.11 11.59
N VAL B 169 4.48 -6.59 10.49
CA VAL B 169 4.14 -7.11 9.16
C VAL B 169 5.20 -8.03 8.62
N GLY B 170 6.21 -8.34 9.44
CA GLY B 170 7.28 -9.23 8.96
C GLY B 170 8.49 -9.20 9.84
N TYR B 171 9.58 -9.78 9.38
CA TYR B 171 10.83 -9.78 10.12
C TYR B 171 11.93 -10.08 9.14
N GLY B 172 13.16 -9.83 9.54
CA GLY B 172 14.26 -10.12 8.64
C GLY B 172 15.58 -9.86 9.33
N PHE B 173 16.59 -9.61 8.53
CA PHE B 173 17.91 -9.36 9.06
C PHE B 173 18.70 -8.51 8.10
N GLU B 174 19.62 -7.73 8.63
CA GLU B 174 20.49 -6.93 7.79
C GLU B 174 21.76 -7.68 7.61
N GLY B 175 22.47 -7.45 6.57
CA GLY B 175 23.70 -8.16 6.37
C GLY B 175 23.47 -9.44 5.64
N ALA B 176 24.51 -10.30 5.56
CA ALA B 176 24.31 -11.51 4.82
C ALA B 176 24.06 -12.65 5.70
N ASN B 177 24.12 -12.49 7.01
CA ASN B 177 23.85 -13.65 7.86
C ASN B 177 22.48 -13.64 8.42
N SER B 178 21.67 -14.64 8.18
CA SER B 178 20.29 -14.62 8.64
C SER B 178 20.11 -14.59 10.12
N GLN B 179 21.13 -14.87 10.87
CA GLN B 179 21.03 -14.83 12.31
C GLN B 179 21.68 -13.59 12.84
N ASN B 180 22.12 -12.73 12.02
N ASN B 180 22.13 -12.73 12.07
CA ASN B 180 22.82 -11.54 12.42
CA ASN B 180 22.82 -11.53 12.46
C ASN B 180 21.99 -10.29 12.33
C ASN B 180 21.96 -10.28 12.30
N SER B 181 21.94 -9.41 13.29
CA SER B 181 21.19 -8.21 13.09
C SER B 181 19.75 -8.42 12.67
N LYS B 182 19.04 -9.20 13.38
CA LYS B 182 17.66 -9.47 13.11
C LYS B 182 16.70 -8.33 13.51
N TYR B 183 15.57 -8.25 12.85
CA TYR B 183 14.63 -7.21 13.20
C TYR B 183 13.22 -7.58 12.91
N TRP B 184 12.29 -6.92 13.58
CA TRP B 184 10.87 -7.04 13.37
C TRP B 184 10.51 -5.92 12.42
N LEU B 185 9.67 -6.20 11.40
N LEU B 185 9.69 -6.17 11.43
CA LEU B 185 9.20 -5.19 10.44
CA LEU B 185 9.25 -5.16 10.47
C LEU B 185 7.89 -4.64 10.99
C LEU B 185 7.93 -4.59 11.00
N VAL B 186 7.90 -3.34 11.40
CA VAL B 186 6.72 -2.73 12.06
C VAL B 186 6.12 -1.55 11.35
N LYS B 187 4.82 -1.67 11.15
CA LYS B 187 4.00 -0.57 10.60
C LYS B 187 3.53 0.29 11.75
N ASN B 188 3.74 1.60 11.65
CA ASN B 188 3.29 2.53 12.70
C ASN B 188 2.11 3.29 12.16
N SER B 189 1.53 4.16 12.97
CA SER B 189 0.36 4.91 12.50
C SER B 189 0.62 6.40 12.72
N TRP B 190 1.79 6.89 12.34
CA TRP B 190 2.14 8.29 12.52
C TRP B 190 2.39 8.94 11.16
N GLY B 191 1.79 8.31 10.12
CA GLY B 191 1.93 8.83 8.75
C GLY B 191 3.20 8.36 8.08
N PRO B 192 3.27 8.48 6.74
CA PRO B 192 4.43 8.08 5.94
C PRO B 192 5.65 8.97 6.13
N GLU B 193 5.48 10.16 6.71
CA GLU B 193 6.63 11.01 6.89
C GLU B 193 7.45 10.63 8.11
N TRP B 194 6.84 9.93 9.09
CA TRP B 194 7.61 9.50 10.27
C TRP B 194 8.46 8.27 9.96
N GLY B 195 9.63 8.15 10.60
CA GLY B 195 10.44 6.96 10.48
C GLY B 195 10.89 6.64 9.08
N SER B 196 10.85 5.35 8.73
CA SER B 196 11.27 4.90 7.43
C SER B 196 10.01 4.72 6.59
N ASN B 197 9.50 5.85 6.04
CA ASN B 197 8.26 5.94 5.29
C ASN B 197 7.13 5.29 6.07
N GLY B 198 7.12 5.58 7.39
CA GLY B 198 6.08 5.09 8.26
C GLY B 198 6.32 3.75 8.95
N TYR B 199 7.42 3.11 8.63
CA TYR B 199 7.77 1.81 9.18
C TYR B 199 9.04 1.94 10.06
N VAL B 200 9.27 0.91 10.88
CA VAL B 200 10.47 0.90 11.67
C VAL B 200 10.96 -0.54 11.82
N LYS B 201 12.25 -0.71 11.83
CA LYS B 201 12.81 -2.05 12.09
C LYS B 201 13.18 -2.10 13.59
N ILE B 202 12.59 -3.01 14.35
CA ILE B 202 12.93 -3.05 15.78
C ILE B 202 13.78 -4.25 16.03
N ALA B 203 14.76 -4.10 16.85
CA ALA B 203 15.68 -5.23 17.07
C ALA B 203 14.93 -6.47 17.52
N LYS B 204 15.31 -7.66 16.94
CA LYS B 204 14.67 -8.94 17.13
C LYS B 204 15.60 -9.88 17.86
N ASP B 205 15.02 -10.68 18.73
CA ASP B 205 15.74 -11.65 19.54
C ASP B 205 16.79 -10.99 20.33
N LYS B 206 16.47 -9.86 20.90
CA LYS B 206 17.34 -9.14 21.78
C LYS B 206 16.56 -8.95 23.06
N ASN B 207 16.07 -10.04 23.56
CA ASN B 207 15.36 -10.03 24.80
C ASN B 207 14.04 -9.25 24.79
N ASN B 208 13.21 -9.47 23.82
CA ASN B 208 11.91 -8.86 23.73
C ASN B 208 12.04 -7.38 23.82
N HIS B 209 12.84 -6.81 22.99
CA HIS B 209 13.11 -5.41 23.01
C HIS B 209 11.90 -4.55 22.83
N CYS B 210 11.76 -3.57 23.68
CA CYS B 210 10.66 -2.69 23.72
C CYS B 210 9.31 -3.41 23.93
N GLY B 211 9.30 -4.66 24.32
CA GLY B 211 8.06 -5.35 24.60
C GLY B 211 7.27 -5.84 23.42
N ILE B 212 7.92 -5.96 22.29
N ILE B 212 7.92 -5.95 22.23
CA ILE B 212 7.25 -6.34 21.06
CA ILE B 212 7.17 -6.34 21.03
C ILE B 212 6.47 -7.65 21.17
C ILE B 212 6.39 -7.67 21.17
N ALA B 213 6.95 -8.59 21.96
CA ALA B 213 6.26 -9.85 22.11
C ALA B 213 5.51 -10.01 23.40
N THR B 214 5.37 -8.99 24.19
CA THR B 214 4.66 -9.06 25.45
C THR B 214 3.16 -9.19 25.30
N ALA B 215 2.57 -8.49 24.36
CA ALA B 215 1.13 -8.54 24.26
C ALA B 215 0.70 -8.54 22.82
N ALA B 216 1.03 -9.60 22.16
CA ALA B 216 0.73 -9.77 20.72
C ALA B 216 -0.55 -10.59 20.51
N SER B 217 -1.36 -10.25 19.50
CA SER B 217 -2.61 -10.93 19.24
C SER B 217 -3.06 -10.70 17.81
N TYR B 218 -4.01 -11.52 17.37
CA TYR B 218 -4.61 -11.34 16.05
C TYR B 218 -6.07 -11.80 16.04
N PRO B 219 -6.97 -11.19 15.26
CA PRO B 219 -8.37 -11.59 15.20
C PRO B 219 -8.60 -12.91 14.56
N ASN B 220 -9.64 -13.66 14.97
CA ASN B 220 -9.93 -14.92 14.29
C ASN B 220 -11.05 -14.63 13.35
N VAL B 221 -10.88 -14.85 12.02
CA VAL B 221 -11.96 -14.54 11.08
C VAL B 221 -12.54 -15.80 10.46
N LYS C 5 9.57 3.90 -29.26
CA LYS C 5 10.05 3.67 -27.94
C LYS C 5 10.24 4.91 -27.08
N LYS C 6 9.22 5.62 -26.71
CA LYS C 6 9.52 6.84 -25.96
C LYS C 6 9.50 6.69 -24.42
N VAL C 7 8.42 6.16 -23.86
CA VAL C 7 8.36 6.13 -22.39
C VAL C 7 9.22 4.88 -21.97
N LEU C 8 10.23 5.15 -21.11
CA LEU C 8 11.11 4.12 -20.49
C LEU C 8 10.83 3.92 -18.99
N LYS D 6 -3.94 0.23 29.06
CA LYS D 6 -4.34 0.73 27.77
C LYS D 6 -3.17 1.31 27.04
N VAL D 7 -3.35 1.52 25.75
N VAL D 7 -3.24 1.48 25.71
CA VAL D 7 -2.29 2.04 24.91
CA VAL D 7 -2.11 2.01 24.95
C VAL D 7 -2.76 3.21 24.09
C VAL D 7 -2.65 3.14 24.07
N LEU D 8 -1.89 4.24 23.91
CA LEU D 8 -2.27 5.44 23.12
C LEU D 8 -1.57 5.48 21.77
#